data_3HJG
#
_entry.id   3HJG
#
_cell.length_a   107.215
_cell.length_b   107.215
_cell.length_c   206.717
_cell.angle_alpha   90.00
_cell.angle_beta   90.00
_cell.angle_gamma   90.00
#
_symmetry.space_group_name_H-M   'P 41 21 2'
#
loop_
_entity.id
_entity.type
_entity.pdbx_description
1 polymer "Putative alpha-ribazole-5'-phosphate phosphatase CobC"
2 non-polymer 'SULFATE ION'
#
_entity_poly.entity_id   1
_entity_poly.type   'polypeptide(L)'
_entity_poly.pdbx_seq_one_letter_code
;MSLKTLNIYLMRHGKVDAAPGLHGQTDLKVKEAEQQQIAMAWKTKGYDVAGIISSPLSRCHDLAQILAEQQLLPMTTEDD
LQEMDFGDFDGMPFDLLTEHWKKLDAFWQSPAHHSLPNAESLSTFSQRVSRAWSQIINDINDNLLIVTHGGVIRIILAHV
LGVDWRNPQWYSTLAIGNASVTHITITIDDQIYASVRSIGVPLVEEGHHHHHH
;
_entity_poly.pdbx_strand_id   A,B
#
# COMPACT_ATOMS: atom_id res chain seq x y z
N LYS A 4 -20.66 14.11 2.58
CA LYS A 4 -19.96 13.34 3.67
C LYS A 4 -19.16 12.16 3.14
N THR A 5 -18.03 11.89 3.81
CA THR A 5 -17.16 10.76 3.47
C THR A 5 -16.92 9.85 4.69
N LEU A 6 -16.87 8.54 4.45
CA LEU A 6 -16.82 7.56 5.55
C LEU A 6 -15.57 6.66 5.54
N ASN A 7 -15.17 6.22 6.73
CA ASN A 7 -13.92 5.48 6.92
C ASN A 7 -14.05 3.97 7.16
N ILE A 8 -13.40 3.19 6.32
CA ILE A 8 -13.37 1.74 6.48
C ILE A 8 -11.95 1.31 6.85
N TYR A 9 -11.83 0.61 7.97
CA TYR A 9 -10.53 0.12 8.40
C TYR A 9 -10.50 -1.40 8.36
N LEU A 10 -9.75 -1.95 7.42
CA LEU A 10 -9.57 -3.39 7.33
C LEU A 10 -8.35 -3.82 8.13
N MET A 11 -8.57 -4.66 9.14
CA MET A 11 -7.50 -5.11 10.01
C MET A 11 -7.26 -6.63 9.89
N ARG A 12 -5.99 -7.01 9.76
CA ARG A 12 -5.61 -8.42 9.86
C ARG A 12 -5.46 -8.83 11.33
N HIS A 13 -5.75 -10.10 11.62
CA HIS A 13 -5.99 -10.60 12.97
C HIS A 13 -4.83 -10.63 13.96
N GLY A 14 -3.60 -10.81 13.48
CA GLY A 14 -2.47 -10.98 14.39
C GLY A 14 -1.91 -12.39 14.32
N LYS A 15 -0.63 -12.54 14.69
CA LYS A 15 0.09 -13.80 14.49
C LYS A 15 -0.47 -15.00 15.25
N VAL A 16 -0.63 -16.09 14.50
CA VAL A 16 -1.52 -17.20 14.85
C VAL A 16 -0.96 -18.28 15.81
N ASP A 17 0.16 -18.00 16.46
CA ASP A 17 0.79 -18.91 17.44
C ASP A 17 0.92 -20.33 16.87
N ALA A 18 1.61 -20.43 15.73
CA ALA A 18 1.63 -21.63 14.93
C ALA A 18 2.79 -21.59 13.95
N ALA A 19 3.16 -22.76 13.43
CA ALA A 19 4.12 -22.86 12.34
C ALA A 19 3.47 -22.30 11.08
N PRO A 20 4.24 -21.54 10.28
CA PRO A 20 3.76 -20.97 9.02
C PRO A 20 3.22 -22.05 8.09
N GLY A 21 1.99 -21.88 7.63
CA GLY A 21 1.34 -22.85 6.76
C GLY A 21 0.13 -22.27 6.06
N LEU A 22 -0.81 -23.14 5.75
CA LEU A 22 -2.05 -22.71 5.12
C LEU A 22 -3.12 -22.51 6.19
N HIS A 23 -3.09 -21.33 6.81
CA HIS A 23 -4.05 -20.99 7.84
C HIS A 23 -5.36 -20.57 7.18
N GLY A 24 -6.18 -21.55 6.83
CA GLY A 24 -7.42 -21.29 6.11
C GLY A 24 -8.61 -21.11 7.02
N GLN A 25 -9.52 -22.08 6.98
CA GLN A 25 -10.74 -22.02 7.77
C GLN A 25 -10.67 -22.92 9.01
N THR A 26 -9.51 -23.54 9.21
CA THR A 26 -9.18 -24.20 10.46
C THR A 26 -9.01 -23.12 11.51
N ASP A 27 -9.59 -23.34 12.68
CA ASP A 27 -9.61 -22.32 13.72
C ASP A 27 -8.29 -22.23 14.47
N LEU A 28 -7.34 -21.51 13.87
CA LEU A 28 -6.06 -21.27 14.53
C LEU A 28 -6.23 -20.18 15.56
N LYS A 29 -5.74 -20.44 16.76
CA LYS A 29 -5.94 -19.54 17.89
C LYS A 29 -4.67 -18.73 18.16
N VAL A 30 -4.84 -17.43 18.38
CA VAL A 30 -3.71 -16.56 18.78
C VAL A 30 -3.69 -16.41 20.31
N LYS A 31 -2.56 -15.92 20.84
CA LYS A 31 -2.37 -15.78 22.28
C LYS A 31 -3.29 -14.71 22.90
N GLU A 32 -3.53 -14.83 24.19
CA GLU A 32 -4.38 -13.90 24.93
C GLU A 32 -3.72 -12.52 25.09
N ALA A 33 -2.44 -12.51 25.46
CA ALA A 33 -1.66 -11.28 25.62
C ALA A 33 -1.43 -10.57 24.28
N GLU A 34 -1.42 -11.37 23.20
CA GLU A 34 -1.27 -10.86 21.84
C GLU A 34 -2.46 -10.00 21.40
N GLN A 35 -3.67 -10.44 21.74
CA GLN A 35 -4.89 -9.68 21.43
C GLN A 35 -4.98 -8.41 22.27
N GLN A 36 -4.46 -8.47 23.50
CA GLN A 36 -4.38 -7.30 24.37
C GLN A 36 -3.45 -6.24 23.83
N GLN A 37 -2.30 -6.67 23.27
CA GLN A 37 -1.36 -5.77 22.61
C GLN A 37 -2.06 -4.95 21.53
N ILE A 38 -2.74 -5.67 20.63
CA ILE A 38 -3.43 -5.07 19.48
C ILE A 38 -4.57 -4.15 19.93
N ALA A 39 -5.31 -4.58 20.95
CA ALA A 39 -6.43 -3.80 21.48
C ALA A 39 -5.96 -2.50 22.13
N MET A 40 -4.87 -2.59 22.90
CA MET A 40 -4.28 -1.43 23.57
C MET A 40 -3.68 -0.46 22.55
N ALA A 41 -3.10 -1.03 21.48
CA ALA A 41 -2.57 -0.25 20.38
C ALA A 41 -3.68 0.52 19.68
N TRP A 42 -4.75 -0.18 19.32
CA TRP A 42 -5.88 0.40 18.58
C TRP A 42 -6.56 1.53 19.35
N LYS A 43 -6.68 1.35 20.65
CA LYS A 43 -7.33 2.34 21.52
C LYS A 43 -6.46 3.58 21.71
N THR A 44 -5.18 3.38 22.03
CA THR A 44 -4.27 4.50 22.30
C THR A 44 -3.77 5.22 21.04
N LYS A 45 -3.92 4.57 19.88
CA LYS A 45 -3.67 5.24 18.59
C LYS A 45 -4.87 6.13 18.22
N GLY A 46 -5.99 5.92 18.91
CA GLY A 46 -7.17 6.78 18.82
C GLY A 46 -7.93 6.64 17.52
N TYR A 47 -8.36 5.42 17.23
CA TYR A 47 -9.15 5.17 16.03
C TYR A 47 -10.63 5.38 16.30
N ASP A 48 -11.29 6.11 15.39
CA ASP A 48 -12.72 6.40 15.51
C ASP A 48 -13.53 5.51 14.60
N VAL A 49 -14.30 4.61 15.22
CA VAL A 49 -15.15 3.64 14.51
C VAL A 49 -16.48 3.50 15.26
N ALA A 50 -17.57 3.33 14.51
CA ALA A 50 -18.89 3.19 15.11
C ALA A 50 -19.55 1.81 14.91
N GLY A 51 -18.76 0.82 14.49
CA GLY A 51 -19.27 -0.54 14.30
C GLY A 51 -18.20 -1.50 13.79
N ILE A 52 -18.24 -2.74 14.28
CA ILE A 52 -17.26 -3.75 13.90
C ILE A 52 -17.93 -4.90 13.13
N ILE A 53 -17.37 -5.23 11.97
CA ILE A 53 -17.76 -6.44 11.25
C ILE A 53 -16.56 -7.40 11.34
N SER A 54 -16.82 -8.64 11.75
CA SER A 54 -15.74 -9.60 11.97
C SER A 54 -15.84 -10.82 11.07
N SER A 55 -14.73 -11.55 10.99
CA SER A 55 -14.74 -12.91 10.46
C SER A 55 -15.17 -13.79 11.62
N PRO A 56 -15.93 -14.87 11.33
CA PRO A 56 -16.33 -15.87 12.34
C PRO A 56 -15.18 -16.48 13.13
N LEU A 57 -14.05 -16.70 12.47
CA LEU A 57 -12.90 -17.41 13.03
C LEU A 57 -12.28 -16.71 14.24
N SER A 58 -11.79 -17.52 15.19
CA SER A 58 -11.40 -17.04 16.52
C SER A 58 -10.37 -15.95 16.52
N ARG A 59 -9.35 -16.10 15.67
CA ARG A 59 -8.25 -15.13 15.58
C ARG A 59 -8.75 -13.71 15.31
N CYS A 60 -9.82 -13.61 14.51
CA CYS A 60 -10.51 -12.36 14.23
C CYS A 60 -11.56 -12.05 15.30
N HIS A 61 -12.54 -12.94 15.44
CA HIS A 61 -13.69 -12.72 16.31
C HIS A 61 -13.32 -12.38 17.75
N ASP A 62 -12.36 -13.12 18.32
CA ASP A 62 -11.95 -12.93 19.70
C ASP A 62 -11.40 -11.52 19.95
N LEU A 63 -10.72 -10.96 18.95
CA LEU A 63 -10.19 -9.59 19.02
C LEU A 63 -11.32 -8.56 18.88
N ALA A 64 -12.16 -8.74 17.85
CA ALA A 64 -13.32 -7.89 17.59
C ALA A 64 -14.17 -7.73 18.84
N GLN A 65 -14.43 -8.85 19.50
CA GLN A 65 -15.13 -8.93 20.78
C GLN A 65 -14.46 -8.06 21.86
N ILE A 66 -13.13 -8.14 21.97
CA ILE A 66 -12.39 -7.38 22.98
C ILE A 66 -12.53 -5.88 22.71
N LEU A 67 -12.39 -5.52 21.44
CA LEU A 67 -12.58 -4.14 20.96
C LEU A 67 -13.98 -3.61 21.18
N ALA A 68 -14.98 -4.47 20.97
CA ALA A 68 -16.38 -4.11 21.07
C ALA A 68 -16.77 -3.65 22.47
N GLU A 69 -16.37 -4.41 23.49
CA GLU A 69 -16.66 -4.03 24.88
C GLU A 69 -15.63 -3.08 25.49
N GLN A 70 -14.53 -2.88 24.77
CA GLN A 70 -13.51 -1.89 25.12
C GLN A 70 -14.06 -0.49 24.86
N GLN A 71 -14.69 -0.34 23.70
CA GLN A 71 -15.13 0.97 23.23
C GLN A 71 -16.65 1.07 23.07
N LEU A 72 -17.36 0.05 23.57
CA LEU A 72 -18.84 -0.01 23.61
C LEU A 72 -19.49 0.17 22.22
N LEU A 73 -19.22 -0.77 21.33
CA LEU A 73 -19.60 -0.65 19.92
C LEU A 73 -20.35 -1.89 19.39
N PRO A 74 -21.28 -1.69 18.43
CA PRO A 74 -21.98 -2.80 17.75
C PRO A 74 -21.03 -3.72 16.98
N MET A 75 -21.17 -5.02 17.18
CA MET A 75 -20.33 -6.02 16.50
C MET A 75 -21.19 -7.10 15.85
N THR A 76 -20.75 -7.60 14.70
CA THR A 76 -21.40 -8.73 14.02
C THR A 76 -20.34 -9.55 13.31
N THR A 77 -20.69 -10.77 12.89
CA THR A 77 -19.81 -11.56 12.05
C THR A 77 -20.40 -11.69 10.64
N GLU A 78 -19.55 -12.00 9.68
CA GLU A 78 -19.99 -12.29 8.32
C GLU A 78 -19.19 -13.45 7.77
N ASP A 79 -19.90 -14.53 7.44
CA ASP A 79 -19.27 -15.79 7.05
C ASP A 79 -18.53 -15.73 5.70
N ASP A 80 -18.85 -14.73 4.89
CA ASP A 80 -18.21 -14.51 3.59
C ASP A 80 -16.81 -13.94 3.74
N LEU A 81 -16.52 -13.42 4.94
CA LEU A 81 -15.23 -12.80 5.23
C LEU A 81 -14.27 -13.73 5.97
N GLN A 82 -14.53 -15.04 5.89
CA GLN A 82 -13.54 -16.04 6.28
C GLN A 82 -12.50 -16.12 5.19
N GLU A 83 -11.32 -16.66 5.50
CA GLU A 83 -10.32 -16.84 4.46
C GLU A 83 -10.62 -18.09 3.64
N MET A 84 -9.82 -18.32 2.61
CA MET A 84 -10.07 -19.39 1.65
C MET A 84 -9.99 -20.75 2.31
N ASP A 85 -10.97 -21.59 1.99
CA ASP A 85 -10.96 -22.98 2.39
C ASP A 85 -9.98 -23.72 1.50
N PHE A 86 -8.91 -24.24 2.10
CA PHE A 86 -7.89 -24.99 1.35
C PHE A 86 -8.24 -26.47 1.27
N GLY A 87 -9.25 -26.87 2.04
CA GLY A 87 -9.77 -28.23 2.01
C GLY A 87 -8.88 -29.25 2.68
N ASP A 88 -8.19 -30.05 1.86
CA ASP A 88 -7.36 -31.14 2.33
C ASP A 88 -6.11 -30.67 3.06
N PHE A 89 -5.49 -29.61 2.54
CA PHE A 89 -4.23 -29.11 3.09
C PHE A 89 -4.45 -28.03 4.15
N ASP A 90 -5.72 -27.72 4.41
CA ASP A 90 -6.13 -26.63 5.31
C ASP A 90 -5.70 -26.85 6.74
N GLY A 91 -4.87 -25.94 7.25
CA GLY A 91 -4.41 -25.98 8.63
C GLY A 91 -3.00 -26.51 8.81
N MET A 92 -2.51 -27.19 7.78
CA MET A 92 -1.19 -27.83 7.82
C MET A 92 -0.06 -26.81 7.67
N PRO A 93 0.99 -26.94 8.51
CA PRO A 93 2.23 -26.17 8.37
C PRO A 93 2.91 -26.48 7.06
N PHE A 94 3.72 -25.54 6.57
CA PHE A 94 4.41 -25.68 5.29
C PHE A 94 5.43 -26.83 5.28
N ASP A 95 6.04 -27.09 6.43
CA ASP A 95 7.04 -28.17 6.57
C ASP A 95 6.44 -29.58 6.45
N LEU A 96 5.17 -29.73 6.81
CA LEU A 96 4.45 -31.00 6.65
C LEU A 96 3.94 -31.21 5.22
N LEU A 97 4.02 -30.17 4.40
CA LEU A 97 3.60 -30.24 3.00
C LEU A 97 4.77 -30.61 2.07
N THR A 98 5.97 -30.67 2.65
CA THR A 98 7.14 -31.23 1.98
C THR A 98 6.96 -32.73 1.87
N GLU A 99 6.43 -33.31 2.95
CA GLU A 99 6.11 -34.74 3.05
C GLU A 99 5.02 -35.10 2.04
N HIS A 100 4.05 -34.20 1.88
CA HIS A 100 2.99 -34.36 0.89
C HIS A 100 3.31 -33.66 -0.44
N TRP A 101 2.26 -33.37 -1.20
CA TRP A 101 2.38 -32.94 -2.59
C TRP A 101 2.99 -31.57 -2.81
N LYS A 102 3.81 -31.49 -3.84
CA LYS A 102 4.44 -30.26 -4.29
C LYS A 102 3.65 -29.77 -5.50
N LYS A 103 2.36 -29.51 -5.29
CA LYS A 103 1.45 -29.09 -6.35
C LYS A 103 0.96 -27.65 -6.15
N LEU A 104 1.13 -27.16 -4.92
CA LEU A 104 0.76 -25.79 -4.54
C LEU A 104 1.64 -24.72 -5.20
N ASP A 105 2.80 -25.11 -5.69
CA ASP A 105 3.69 -24.23 -6.45
C ASP A 105 3.13 -23.93 -7.84
N ALA A 106 2.24 -24.79 -8.32
CA ALA A 106 1.48 -24.54 -9.53
C ALA A 106 0.20 -23.75 -9.22
N PHE A 107 -0.17 -23.72 -7.95
CA PHE A 107 -1.29 -22.90 -7.48
C PHE A 107 -0.85 -21.44 -7.35
N TRP A 108 0.35 -21.26 -6.81
CA TRP A 108 0.93 -19.94 -6.64
C TRP A 108 1.36 -19.33 -7.97
N GLN A 109 1.79 -20.18 -8.90
CA GLN A 109 2.20 -19.77 -10.25
C GLN A 109 1.02 -19.22 -11.05
N SER A 110 -0.09 -19.96 -11.03
CA SER A 110 -1.34 -19.52 -11.66
C SER A 110 -2.54 -20.10 -10.93
N PRO A 111 -3.23 -19.27 -10.13
CA PRO A 111 -4.46 -19.69 -9.45
C PRO A 111 -5.70 -19.58 -10.36
N ALA A 112 -5.48 -19.24 -11.63
CA ALA A 112 -6.53 -19.21 -12.65
C ALA A 112 -6.98 -20.62 -13.02
N HIS A 113 -6.05 -21.56 -12.93
CA HIS A 113 -6.33 -22.96 -13.26
C HIS A 113 -5.68 -23.92 -12.26
N HIS A 114 -6.01 -23.72 -10.98
CA HIS A 114 -5.59 -24.61 -9.91
C HIS A 114 -6.52 -24.49 -8.70
N SER A 115 -6.84 -25.64 -8.10
CA SER A 115 -7.55 -25.71 -6.83
C SER A 115 -7.05 -26.92 -6.06
N LEU A 116 -6.59 -26.70 -4.83
CA LEU A 116 -5.95 -27.73 -4.02
C LEU A 116 -6.97 -28.76 -3.49
N PRO A 117 -6.95 -29.98 -4.07
CA PRO A 117 -8.02 -30.97 -4.20
C PRO A 117 -9.42 -30.66 -3.64
N ASN A 118 -9.51 -30.35 -2.34
CA ASN A 118 -10.79 -29.99 -1.73
C ASN A 118 -10.97 -28.49 -1.45
N ALA A 119 -10.20 -27.66 -2.15
CA ALA A 119 -10.18 -26.22 -1.89
C ALA A 119 -11.28 -25.43 -2.59
N GLU A 120 -11.55 -24.24 -2.05
CA GLU A 120 -12.22 -23.19 -2.77
C GLU A 120 -11.26 -22.67 -3.83
N SER A 121 -11.79 -22.39 -5.01
CA SER A 121 -11.00 -21.72 -6.04
C SER A 121 -10.98 -20.23 -5.70
N LEU A 122 -10.02 -19.51 -6.29
CA LEU A 122 -9.97 -18.05 -6.18
C LEU A 122 -11.24 -17.42 -6.76
N SER A 123 -11.73 -18.02 -7.84
CA SER A 123 -12.98 -17.63 -8.49
C SER A 123 -14.16 -17.59 -7.51
N THR A 124 -14.29 -18.65 -6.71
CA THR A 124 -15.34 -18.75 -5.68
C THR A 124 -15.06 -17.79 -4.53
N PHE A 125 -13.79 -17.69 -4.17
CA PHE A 125 -13.34 -16.90 -3.03
C PHE A 125 -13.50 -15.39 -3.27
N SER A 126 -13.06 -14.92 -4.43
CA SER A 126 -13.16 -13.51 -4.79
C SER A 126 -14.62 -13.08 -5.00
N GLN A 127 -15.43 -14.04 -5.45
CA GLN A 127 -16.87 -13.84 -5.61
C GLN A 127 -17.50 -13.46 -4.27
N ARG A 128 -17.38 -14.33 -3.27
CA ARG A 128 -18.04 -14.12 -1.98
C ARG A 128 -17.47 -12.95 -1.18
N VAL A 129 -16.20 -12.63 -1.43
CA VAL A 129 -15.55 -11.50 -0.77
C VAL A 129 -16.06 -10.18 -1.35
N SER A 130 -16.04 -10.05 -2.68
CA SER A 130 -16.51 -8.83 -3.34
C SER A 130 -18.02 -8.63 -3.26
N ARG A 131 -18.76 -9.74 -3.17
CA ARG A 131 -20.21 -9.74 -2.98
C ARG A 131 -20.57 -9.15 -1.63
N ALA A 132 -19.79 -9.52 -0.60
CA ALA A 132 -19.95 -9.00 0.75
C ALA A 132 -19.49 -7.55 0.84
N TRP A 133 -18.44 -7.23 0.09
CA TRP A 133 -17.86 -5.90 0.07
C TRP A 133 -18.81 -4.86 -0.52
N SER A 134 -19.40 -5.20 -1.67
CA SER A 134 -20.36 -4.34 -2.36
C SER A 134 -21.61 -4.06 -1.52
N GLN A 135 -22.01 -5.03 -0.71
CA GLN A 135 -23.13 -4.87 0.21
C GLN A 135 -22.75 -3.95 1.37
N ILE A 136 -21.54 -4.11 1.89
CA ILE A 136 -21.07 -3.34 3.05
C ILE A 136 -20.95 -1.84 2.74
N ILE A 137 -20.38 -1.51 1.58
CA ILE A 137 -20.23 -0.11 1.15
C ILE A 137 -21.56 0.56 0.79
N ASN A 138 -22.58 -0.24 0.53
CA ASN A 138 -23.90 0.28 0.20
C ASN A 138 -24.79 0.41 1.44
N ASP A 139 -24.41 -0.27 2.52
CA ASP A 139 -25.17 -0.27 3.77
C ASP A 139 -24.60 0.68 4.81
N ILE A 140 -23.44 1.26 4.50
CA ILE A 140 -22.61 1.91 5.52
C ILE A 140 -23.07 3.32 5.94
N ASN A 141 -23.23 3.47 7.25
CA ASN A 141 -23.25 4.78 7.89
C ASN A 141 -22.09 4.89 8.88
N ASP A 142 -21.42 6.03 8.88
CA ASP A 142 -20.28 6.25 9.76
C ASP A 142 -19.16 5.22 9.58
N ASN A 143 -18.21 5.22 10.51
CA ASN A 143 -16.99 4.41 10.40
C ASN A 143 -17.12 2.97 10.85
N LEU A 144 -16.57 2.06 10.04
CA LEU A 144 -16.51 0.66 10.45
C LEU A 144 -15.12 0.03 10.36
N LEU A 145 -14.81 -0.75 11.39
CA LEU A 145 -13.66 -1.63 11.41
C LEU A 145 -14.08 -2.99 10.87
N ILE A 146 -13.28 -3.55 9.97
CA ILE A 146 -13.46 -4.93 9.55
C ILE A 146 -12.27 -5.75 9.99
N VAL A 147 -12.49 -6.63 10.96
CA VAL A 147 -11.46 -7.57 11.38
C VAL A 147 -11.56 -8.79 10.50
N THR A 148 -10.56 -9.01 9.66
CA THR A 148 -10.60 -10.08 8.66
C THR A 148 -9.19 -10.64 8.39
N HIS A 149 -9.03 -11.35 7.27
CA HIS A 149 -7.77 -11.99 6.93
C HIS A 149 -7.12 -11.31 5.74
N GLY A 150 -5.79 -11.48 5.61
CA GLY A 150 -5.01 -10.85 4.56
C GLY A 150 -5.48 -11.15 3.15
N GLY A 151 -5.82 -12.41 2.90
CA GLY A 151 -6.32 -12.84 1.59
C GLY A 151 -7.59 -12.13 1.17
N VAL A 152 -8.45 -11.86 2.15
CA VAL A 152 -9.71 -11.13 1.95
C VAL A 152 -9.43 -9.67 1.61
N ILE A 153 -8.57 -9.04 2.41
CA ILE A 153 -8.17 -7.65 2.20
C ILE A 153 -7.56 -7.45 0.81
N ARG A 154 -6.73 -8.41 0.39
CA ARG A 154 -6.13 -8.39 -0.96
C ARG A 154 -7.14 -8.29 -2.11
N ILE A 155 -8.26 -9.03 -1.99
CA ILE A 155 -9.31 -9.03 -3.01
C ILE A 155 -10.04 -7.69 -3.03
N ILE A 156 -10.32 -7.16 -1.83
CA ILE A 156 -10.96 -5.86 -1.67
C ILE A 156 -10.10 -4.76 -2.32
N LEU A 157 -8.79 -4.79 -2.06
CA LEU A 157 -7.85 -3.86 -2.66
C LEU A 157 -7.71 -4.07 -4.17
N ALA A 158 -7.85 -5.31 -4.62
CA ALA A 158 -7.83 -5.60 -6.05
C ALA A 158 -9.05 -5.03 -6.75
N HIS A 159 -10.20 -5.09 -6.07
CA HIS A 159 -11.47 -4.56 -6.59
C HIS A 159 -11.44 -3.03 -6.66
N VAL A 160 -11.12 -2.39 -5.53
CA VAL A 160 -11.13 -0.93 -5.41
C VAL A 160 -10.13 -0.26 -6.36
N LEU A 161 -8.91 -0.79 -6.42
CA LEU A 161 -7.88 -0.26 -7.31
C LEU A 161 -8.03 -0.73 -8.75
N GLY A 162 -8.94 -1.68 -8.96
CA GLY A 162 -9.27 -2.15 -10.29
C GLY A 162 -8.17 -2.95 -10.96
N VAL A 163 -7.42 -3.70 -10.15
CA VAL A 163 -6.44 -4.65 -10.70
C VAL A 163 -7.07 -6.05 -10.80
N ASP A 164 -6.62 -6.82 -11.79
CA ASP A 164 -7.22 -8.13 -12.10
C ASP A 164 -6.90 -9.18 -11.03
N TRP A 165 -7.96 -9.76 -10.47
CA TRP A 165 -7.88 -10.76 -9.40
C TRP A 165 -7.15 -12.05 -9.82
N ARG A 166 -7.04 -12.25 -11.13
CA ARG A 166 -6.38 -13.42 -11.69
C ARG A 166 -4.86 -13.38 -11.54
N ASN A 167 -4.31 -12.17 -11.38
CA ASN A 167 -2.87 -11.94 -11.28
C ASN A 167 -2.22 -12.57 -10.04
N PRO A 168 -1.33 -13.56 -10.24
CA PRO A 168 -0.70 -14.31 -9.16
C PRO A 168 0.30 -13.48 -8.35
N GLN A 169 0.89 -12.48 -8.99
CA GLN A 169 1.89 -11.60 -8.38
C GLN A 169 1.31 -10.77 -7.24
N TRP A 170 0.03 -10.44 -7.37
CA TRP A 170 -0.73 -9.65 -6.40
C TRP A 170 -0.79 -10.31 -5.02
N TYR A 171 -0.86 -11.63 -4.99
CA TYR A 171 -0.91 -12.38 -3.73
C TYR A 171 0.50 -12.79 -3.34
N SER A 172 1.35 -12.93 -4.36
CA SER A 172 2.74 -13.32 -4.18
C SER A 172 3.55 -12.22 -3.47
N THR A 173 3.31 -10.98 -3.87
CA THR A 173 4.19 -9.89 -3.45
C THR A 173 3.55 -8.93 -2.42
N LEU A 174 2.23 -8.77 -2.45
CA LEU A 174 1.57 -7.89 -1.49
C LEU A 174 1.40 -8.56 -0.13
N ALA A 175 2.44 -8.48 0.68
CA ALA A 175 2.36 -8.94 2.06
C ALA A 175 1.64 -7.88 2.86
N ILE A 176 0.53 -8.24 3.49
CA ILE A 176 -0.10 -7.36 4.49
C ILE A 176 -0.01 -8.03 5.84
N GLY A 177 0.63 -7.33 6.78
CA GLY A 177 1.08 -7.92 8.04
C GLY A 177 0.00 -8.22 9.05
N ASN A 178 0.37 -8.99 10.06
CA ASN A 178 -0.50 -9.28 11.20
C ASN A 178 -0.67 -8.02 12.03
N ALA A 179 -1.91 -7.78 12.47
CA ALA A 179 -2.31 -6.52 13.11
C ALA A 179 -1.99 -5.28 12.26
N SER A 180 -2.37 -5.34 10.98
CA SER A 180 -2.17 -4.20 10.09
C SER A 180 -3.48 -3.59 9.62
N VAL A 181 -3.70 -2.34 10.03
CA VAL A 181 -4.87 -1.57 9.58
C VAL A 181 -4.64 -0.98 8.19
N THR A 182 -5.42 -1.43 7.21
CA THR A 182 -5.41 -0.80 5.89
C THR A 182 -6.64 0.09 5.67
N HIS A 183 -6.39 1.40 5.66
CA HIS A 183 -7.40 2.45 5.51
C HIS A 183 -7.96 2.53 4.09
N ILE A 184 -9.28 2.36 3.98
CA ILE A 184 -10.00 2.62 2.73
C ILE A 184 -11.10 3.63 3.04
N THR A 185 -11.20 4.68 2.23
CA THR A 185 -12.27 5.65 2.43
C THR A 185 -13.27 5.67 1.28
N ILE A 186 -14.55 5.67 1.63
CA ILE A 186 -15.62 5.80 0.65
C ILE A 186 -16.29 7.17 0.77
N THR A 187 -16.64 7.74 -0.38
CA THR A 187 -17.33 9.03 -0.41
C THR A 187 -18.66 8.91 -1.17
N ILE A 188 -19.73 9.33 -0.53
CA ILE A 188 -21.08 9.05 -1.01
C ILE A 188 -21.81 10.34 -1.40
N ASP A 189 -22.17 10.45 -2.68
CA ASP A 189 -23.20 11.38 -3.10
C ASP A 189 -24.14 10.72 -4.11
N ASP A 190 -23.90 10.97 -5.39
CA ASP A 190 -24.57 10.21 -6.45
C ASP A 190 -23.65 9.12 -7.00
N GLN A 191 -24.16 7.89 -6.99
CA GLN A 191 -23.30 6.72 -7.15
C GLN A 191 -22.11 6.77 -6.21
N ILE A 192 -21.42 5.65 -6.06
CA ILE A 192 -20.49 5.45 -4.95
C ILE A 192 -19.04 5.53 -5.43
N TYR A 193 -18.20 6.17 -4.62
CA TYR A 193 -16.79 6.32 -4.96
C TYR A 193 -15.86 5.99 -3.78
N ALA A 194 -14.81 5.22 -4.07
CA ALA A 194 -13.88 4.74 -3.04
C ALA A 194 -12.42 5.00 -3.43
N SER A 195 -11.60 5.34 -2.43
CA SER A 195 -10.16 5.50 -2.62
C SER A 195 -9.38 4.90 -1.45
N VAL A 196 -8.34 4.13 -1.78
CA VAL A 196 -7.48 3.52 -0.76
C VAL A 196 -6.47 4.53 -0.24
N ARG A 197 -6.58 4.87 1.05
CA ARG A 197 -5.63 5.77 1.70
CA ARG A 197 -5.63 5.76 1.69
C ARG A 197 -4.31 5.04 1.97
N SER A 198 -4.14 4.56 3.20
CA SER A 198 -2.88 3.94 3.63
C SER A 198 -3.04 2.46 3.91
N ILE A 199 -2.36 1.63 3.13
CA ILE A 199 -2.51 0.18 3.19
C ILE A 199 -1.41 -0.54 4.00
N GLY A 200 -1.82 -1.49 4.84
CA GLY A 200 -0.90 -2.37 5.55
C GLY A 200 -0.21 -1.77 6.77
N VAL A 201 -0.74 -0.67 7.28
CA VAL A 201 -0.15 0.04 8.42
C VAL A 201 -0.20 -0.77 9.72
N PRO A 202 0.97 -1.10 10.30
CA PRO A 202 1.07 -1.94 11.50
C PRO A 202 0.58 -1.26 12.77
N LEU A 203 0.34 -2.06 13.81
CA LEU A 203 -0.11 -1.55 15.10
C LEU A 203 0.86 -1.86 16.23
N VAL A 204 1.44 -3.06 16.24
CA VAL A 204 2.29 -3.49 17.36
C VAL A 204 3.73 -3.87 16.97
N GLU A 205 4.00 -5.16 16.88
CA GLU A 205 5.36 -5.70 16.77
C GLU A 205 5.91 -5.63 15.35
N LYS B 4 20.83 -11.14 4.32
CA LYS B 4 20.63 -11.38 2.86
C LYS B 4 19.29 -10.84 2.34
N THR B 5 18.52 -10.23 3.26
CA THR B 5 17.25 -9.57 2.92
C THR B 5 17.32 -8.07 3.24
N LEU B 6 16.94 -7.24 2.27
CA LEU B 6 17.19 -5.79 2.38
C LEU B 6 15.94 -4.91 2.36
N ASN B 7 15.96 -3.84 3.16
CA ASN B 7 14.84 -2.90 3.26
C ASN B 7 14.97 -1.65 2.41
N ILE B 8 13.94 -1.38 1.60
CA ILE B 8 13.85 -0.15 0.83
C ILE B 8 12.67 0.67 1.34
N TYR B 9 12.93 1.90 1.78
CA TYR B 9 11.89 2.80 2.25
C TYR B 9 11.67 3.94 1.27
N LEU B 10 10.60 3.83 0.49
CA LEU B 10 10.20 4.91 -0.40
C LEU B 10 9.41 5.97 0.36
N MET B 11 10.00 7.14 0.55
CA MET B 11 9.31 8.27 1.17
C MET B 11 8.80 9.27 0.14
N ARG B 12 7.67 9.89 0.44
CA ARG B 12 7.23 11.05 -0.31
C ARG B 12 7.59 12.28 0.53
N HIS B 13 7.85 13.41 -0.16
CA HIS B 13 8.13 14.69 0.49
C HIS B 13 6.91 15.21 1.24
N GLY B 14 7.12 16.17 2.14
CA GLY B 14 6.04 16.76 2.93
C GLY B 14 5.10 17.68 2.19
N LYS B 15 4.18 18.32 2.92
CA LYS B 15 3.20 19.22 2.33
C LYS B 15 3.83 20.53 1.84
N VAL B 16 3.66 20.80 0.55
CA VAL B 16 4.16 22.03 -0.06
C VAL B 16 3.16 23.18 0.07
N ASP B 17 3.65 24.30 0.60
CA ASP B 17 2.86 25.54 0.73
C ASP B 17 3.49 26.66 -0.10
N ALA B 18 2.71 27.71 -0.34
CA ALA B 18 3.16 28.88 -1.10
C ALA B 18 4.27 29.64 -0.37
N ALA B 19 5.37 29.89 -1.08
CA ALA B 19 6.53 30.57 -0.53
C ALA B 19 7.24 31.36 -1.63
N PRO B 20 7.94 32.47 -1.27
CA PRO B 20 8.81 33.15 -2.23
C PRO B 20 9.89 32.25 -2.83
N GLY B 21 10.09 32.37 -4.14
CA GLY B 21 11.07 31.56 -4.87
C GLY B 21 12.09 32.40 -5.61
N LEU B 22 12.57 31.88 -6.74
CA LEU B 22 13.62 32.53 -7.53
C LEU B 22 13.07 33.67 -8.37
N HIS B 23 13.77 34.81 -8.31
CA HIS B 23 13.49 36.03 -9.12
C HIS B 23 12.15 36.73 -8.84
N GLY B 24 11.55 36.44 -7.68
CA GLY B 24 10.28 37.05 -7.31
C GLY B 24 9.05 36.20 -7.61
N GLN B 25 9.28 34.99 -8.13
CA GLN B 25 8.21 34.02 -8.39
C GLN B 25 7.69 33.44 -7.09
N THR B 26 6.47 32.92 -7.12
CA THR B 26 5.94 32.16 -6.00
C THR B 26 6.19 30.68 -6.23
N ASP B 27 6.93 30.08 -5.32
CA ASP B 27 7.30 28.68 -5.38
C ASP B 27 6.41 27.87 -4.43
N LEU B 28 6.36 26.56 -4.64
CA LEU B 28 5.77 25.64 -3.68
C LEU B 28 6.89 24.95 -2.87
N LYS B 29 7.23 25.57 -1.74
CA LYS B 29 8.29 25.08 -0.85
C LYS B 29 7.70 24.44 0.39
N VAL B 30 8.33 23.35 0.83
CA VAL B 30 8.02 22.71 2.11
C VAL B 30 8.50 23.57 3.27
N LYS B 31 7.58 23.92 4.16
CA LYS B 31 7.86 24.76 5.33
C LYS B 31 9.01 24.16 6.14
N GLU B 32 9.91 25.02 6.59
CA GLU B 32 11.17 24.60 7.20
C GLU B 32 10.95 23.85 8.52
N ALA B 33 9.99 24.34 9.32
CA ALA B 33 9.63 23.71 10.58
C ALA B 33 8.90 22.39 10.35
N GLU B 34 8.16 22.32 9.24
CA GLU B 34 7.42 21.13 8.86
C GLU B 34 8.36 20.04 8.35
N GLN B 35 9.48 20.45 7.77
CA GLN B 35 10.54 19.52 7.37
C GLN B 35 11.22 18.93 8.59
N GLN B 36 11.31 19.73 9.66
CA GLN B 36 11.94 19.31 10.89
C GLN B 36 11.05 18.35 11.67
N GLN B 37 9.73 18.48 11.47
CA GLN B 37 8.75 17.57 12.06
C GLN B 37 8.85 16.17 11.46
N ILE B 38 9.12 16.11 10.16
CA ILE B 38 9.32 14.85 9.46
C ILE B 38 10.66 14.23 9.86
N ALA B 39 11.67 15.09 10.03
CA ALA B 39 13.00 14.67 10.42
C ALA B 39 13.01 14.04 11.81
N MET B 40 12.33 14.71 12.76
CA MET B 40 12.22 14.22 14.12
C MET B 40 11.43 12.92 14.19
N ALA B 41 10.37 12.83 13.38
CA ALA B 41 9.50 11.66 13.34
C ALA B 41 10.16 10.43 12.72
N TRP B 42 11.03 10.66 11.73
CA TRP B 42 11.79 9.58 11.11
C TRP B 42 12.82 9.04 12.09
N LYS B 43 13.41 9.95 12.85
CA LYS B 43 14.46 9.62 13.81
C LYS B 43 13.89 8.85 15.00
N THR B 44 12.84 9.40 15.62
CA THR B 44 12.26 8.81 16.83
C THR B 44 11.49 7.51 16.56
N LYS B 45 11.02 7.33 15.32
CA LYS B 45 10.39 6.07 14.92
C LYS B 45 11.45 4.98 14.65
N GLY B 46 12.71 5.41 14.55
CA GLY B 46 13.85 4.50 14.54
C GLY B 46 14.03 3.64 13.31
N TYR B 47 13.74 4.21 12.14
CA TYR B 47 14.03 3.57 10.88
C TYR B 47 15.54 3.56 10.69
N ASP B 48 16.15 2.37 10.61
CA ASP B 48 17.59 2.27 10.36
C ASP B 48 17.87 1.96 8.89
N VAL B 49 18.88 2.64 8.35
CA VAL B 49 19.10 2.73 6.91
C VAL B 49 20.57 3.10 6.62
N ALA B 50 21.14 2.56 5.54
CA ALA B 50 22.52 2.90 5.17
C ALA B 50 22.63 4.21 4.38
N GLY B 51 21.99 4.26 3.21
CA GLY B 51 22.11 5.42 2.33
C GLY B 51 20.79 6.04 1.94
N ILE B 52 20.86 7.25 1.36
CA ILE B 52 19.68 7.96 0.90
C ILE B 52 19.80 8.32 -0.59
N ILE B 53 18.88 7.81 -1.41
CA ILE B 53 18.81 8.24 -2.81
C ILE B 53 17.62 9.19 -2.97
N SER B 54 17.92 10.43 -3.31
CA SER B 54 16.90 11.47 -3.41
C SER B 54 16.54 11.81 -4.85
N SER B 55 15.37 12.41 -5.03
CA SER B 55 15.04 13.10 -6.26
C SER B 55 15.80 14.41 -6.20
N PRO B 56 16.36 14.87 -7.34
CA PRO B 56 17.14 16.12 -7.35
C PRO B 56 16.27 17.35 -7.15
N LEU B 57 14.97 17.21 -7.42
CA LEU B 57 13.99 18.29 -7.31
C LEU B 57 13.88 18.95 -5.94
N SER B 58 13.38 20.19 -5.98
CA SER B 58 13.30 21.12 -4.85
C SER B 58 12.99 20.48 -3.49
N ARG B 59 11.77 19.97 -3.35
CA ARG B 59 11.21 19.54 -2.06
C ARG B 59 11.73 18.21 -1.51
N CYS B 60 12.14 17.32 -2.40
CA CYS B 60 12.70 16.02 -2.01
C CYS B 60 14.11 16.17 -1.46
N HIS B 61 14.94 16.90 -2.20
CA HIS B 61 16.36 17.07 -1.90
C HIS B 61 16.61 17.71 -0.54
N ASP B 62 15.80 18.70 -0.16
CA ASP B 62 15.95 19.41 1.10
C ASP B 62 15.79 18.50 2.31
N LEU B 63 14.78 17.64 2.26
CA LEU B 63 14.48 16.72 3.35
C LEU B 63 15.58 15.68 3.49
N ALA B 64 16.01 15.15 2.34
CA ALA B 64 17.10 14.19 2.26
C ALA B 64 18.36 14.75 2.86
N GLN B 65 18.63 16.03 2.57
CA GLN B 65 19.78 16.75 3.12
C GLN B 65 19.78 16.82 4.65
N ILE B 66 18.62 17.12 5.23
CA ILE B 66 18.47 17.24 6.68
C ILE B 66 18.67 15.86 7.30
N LEU B 67 18.05 14.86 6.68
CA LEU B 67 18.16 13.46 7.10
C LEU B 67 19.59 12.92 7.03
N ALA B 68 20.30 13.29 5.97
CA ALA B 68 21.66 12.81 5.73
C ALA B 68 22.65 13.23 6.82
N GLU B 69 22.56 14.46 7.29
CA GLU B 69 23.44 14.92 8.36
C GLU B 69 22.86 14.74 9.76
N GLN B 70 21.60 14.29 9.82
CA GLN B 70 20.97 13.96 11.11
C GLN B 70 21.48 12.62 11.61
N GLN B 71 21.72 11.70 10.69
CA GLN B 71 22.19 10.36 11.05
C GLN B 71 23.48 9.96 10.35
N LEU B 72 24.18 10.95 9.78
CA LEU B 72 25.49 10.78 9.13
C LEU B 72 25.48 9.69 8.05
N LEU B 73 24.70 9.92 7.01
CA LEU B 73 24.48 8.91 5.97
C LEU B 73 24.83 9.44 4.58
N PRO B 74 25.43 8.57 3.74
CA PRO B 74 25.69 8.86 2.32
C PRO B 74 24.43 9.20 1.53
N MET B 75 24.48 10.32 0.81
CA MET B 75 23.33 10.81 0.06
C MET B 75 23.70 11.08 -1.41
N THR B 76 22.79 10.79 -2.33
CA THR B 76 22.98 11.09 -3.75
C THR B 76 21.64 11.41 -4.37
N THR B 77 21.63 12.27 -5.38
CA THR B 77 20.42 12.49 -6.17
C THR B 77 20.39 11.50 -7.32
N GLU B 78 19.23 11.34 -7.95
CA GLU B 78 19.10 10.54 -9.17
C GLU B 78 18.00 11.11 -10.07
N ASP B 79 18.41 11.59 -11.23
CA ASP B 79 17.56 12.39 -12.12
C ASP B 79 16.44 11.61 -12.80
N ASP B 80 16.36 10.30 -12.55
CA ASP B 80 15.29 9.48 -13.11
C ASP B 80 14.18 9.30 -12.09
N LEU B 81 14.34 9.91 -10.92
CA LEU B 81 13.39 9.76 -9.83
C LEU B 81 12.60 11.05 -9.55
N GLN B 82 12.50 11.91 -10.55
CA GLN B 82 11.73 13.16 -10.44
C GLN B 82 10.29 12.92 -10.89
N GLU B 83 9.53 14.00 -10.99
CA GLU B 83 8.18 13.98 -11.52
C GLU B 83 8.15 13.61 -13.00
N MET B 84 6.93 13.59 -13.57
CA MET B 84 6.73 13.25 -14.97
C MET B 84 7.33 14.28 -15.92
N ASP B 85 7.50 15.51 -15.43
CA ASP B 85 7.72 16.71 -16.23
C ASP B 85 6.51 16.84 -17.15
N PHE B 86 5.45 17.41 -16.58
CA PHE B 86 4.12 17.49 -17.21
C PHE B 86 4.07 18.38 -18.45
N GLY B 87 5.17 19.10 -18.70
CA GLY B 87 5.30 19.99 -19.85
C GLY B 87 6.31 21.07 -19.52
N ASP B 88 7.44 21.03 -20.20
CA ASP B 88 8.48 22.04 -20.04
C ASP B 88 8.30 23.12 -21.11
N PHE B 89 7.21 23.87 -20.99
CA PHE B 89 6.84 24.85 -22.01
C PHE B 89 7.23 26.27 -21.60
N ASP B 90 7.42 27.13 -22.59
CA ASP B 90 8.15 28.38 -22.39
C ASP B 90 7.33 29.57 -22.88
N GLY B 91 7.34 29.79 -24.19
CA GLY B 91 6.24 30.44 -24.86
C GLY B 91 5.42 29.49 -25.71
N MET B 92 6.08 28.88 -26.69
CA MET B 92 5.46 27.82 -27.47
C MET B 92 4.03 28.18 -27.86
N PRO B 93 3.89 29.18 -28.72
CA PRO B 93 2.68 30.01 -28.75
C PRO B 93 1.45 29.52 -27.96
N PHE B 94 1.65 29.28 -26.66
CA PHE B 94 0.58 28.92 -25.74
C PHE B 94 -0.12 30.18 -25.26
N ASP B 95 -0.35 31.10 -26.20
CA ASP B 95 -1.00 32.37 -25.94
C ASP B 95 -2.48 32.14 -25.65
N LEU B 96 -3.09 31.25 -26.42
CA LEU B 96 -4.47 30.83 -26.21
C LEU B 96 -4.60 29.31 -26.30
N LEU B 97 -3.47 28.64 -26.56
CA LEU B 97 -3.47 27.20 -26.78
C LEU B 97 -3.44 26.39 -25.49
N THR B 98 -2.75 26.89 -24.47
CA THR B 98 -2.83 26.31 -23.13
C THR B 98 -4.10 26.77 -22.42
N GLU B 99 -4.65 27.90 -22.89
CA GLU B 99 -5.89 28.48 -22.37
C GLU B 99 -7.09 27.65 -22.80
N HIS B 100 -7.12 27.28 -24.08
CA HIS B 100 -8.13 26.39 -24.61
C HIS B 100 -7.65 24.93 -24.54
N TRP B 101 -7.15 24.55 -23.36
CA TRP B 101 -6.67 23.21 -23.08
C TRP B 101 -7.17 22.78 -21.70
N LYS B 102 -7.96 21.71 -21.67
CA LYS B 102 -8.27 21.03 -20.42
C LYS B 102 -7.03 20.22 -20.05
N LYS B 103 -6.19 20.83 -19.21
CA LYS B 103 -4.80 20.41 -18.98
C LYS B 103 -4.63 18.97 -18.49
N LEU B 104 -3.94 18.18 -19.31
CA LEU B 104 -3.81 16.71 -19.17
C LEU B 104 -5.09 15.98 -18.72
N ASP B 105 -6.08 15.98 -19.61
CA ASP B 105 -7.35 15.30 -19.40
C ASP B 105 -7.24 13.83 -19.79
N ALA B 106 -6.10 13.47 -20.38
CA ALA B 106 -5.85 12.10 -20.84
C ALA B 106 -4.70 11.39 -20.11
N PHE B 107 -4.05 12.09 -19.19
CA PHE B 107 -3.17 11.46 -18.20
C PHE B 107 -4.05 10.72 -17.18
N TRP B 108 -5.21 11.31 -16.90
CA TRP B 108 -6.21 10.71 -16.01
C TRP B 108 -7.01 9.61 -16.72
N GLN B 109 -6.98 9.62 -18.07
CA GLN B 109 -7.81 8.75 -18.89
C GLN B 109 -7.07 7.55 -19.48
N SER B 110 -5.88 7.79 -20.05
CA SER B 110 -5.21 6.80 -20.89
C SER B 110 -3.70 6.67 -20.65
N PRO B 111 -3.11 5.51 -21.01
CA PRO B 111 -1.64 5.36 -21.10
C PRO B 111 -0.95 6.31 -22.09
N ALA B 112 -1.21 6.16 -23.39
CA ALA B 112 -0.55 6.98 -24.40
C ALA B 112 -1.43 7.26 -25.62
N HIS B 113 -2.37 8.19 -25.47
CA HIS B 113 -3.06 8.78 -26.63
C HIS B 113 -2.97 10.31 -26.69
N HIS B 114 -2.23 10.90 -25.74
CA HIS B 114 -2.03 12.35 -25.66
C HIS B 114 -0.63 12.72 -25.18
N SER B 115 -0.23 13.96 -25.50
CA SER B 115 0.95 14.59 -24.92
C SER B 115 0.69 16.10 -24.84
N LEU B 116 1.57 16.84 -24.17
CA LEU B 116 1.45 18.30 -24.07
C LEU B 116 2.71 18.97 -24.64
N PRO B 117 2.86 18.97 -25.98
CA PRO B 117 4.04 19.08 -26.85
C PRO B 117 5.37 19.57 -26.23
N ASN B 118 5.77 18.95 -25.13
CA ASN B 118 7.00 19.26 -24.38
C ASN B 118 7.34 18.16 -23.37
N ALA B 119 6.34 17.34 -23.06
CA ALA B 119 6.35 16.45 -21.89
C ALA B 119 6.79 15.02 -22.17
N GLU B 120 6.80 14.20 -21.11
CA GLU B 120 6.99 12.76 -21.21
C GLU B 120 5.64 12.07 -21.19
N SER B 121 5.50 10.99 -21.96
CA SER B 121 4.30 10.15 -21.87
C SER B 121 4.47 9.16 -20.71
N LEU B 122 3.40 8.43 -20.39
CA LEU B 122 3.46 7.38 -19.37
C LEU B 122 4.46 6.29 -19.74
N SER B 123 4.52 5.97 -21.03
CA SER B 123 5.45 5.00 -21.59
C SER B 123 6.92 5.36 -21.32
N THR B 124 7.25 6.65 -21.44
CA THR B 124 8.60 7.15 -21.19
C THR B 124 8.88 7.21 -19.70
N PHE B 125 7.91 7.75 -18.95
CA PHE B 125 8.03 7.97 -17.51
C PHE B 125 8.16 6.67 -16.73
N SER B 126 7.38 5.65 -17.12
CA SER B 126 7.44 4.34 -16.49
C SER B 126 8.78 3.66 -16.77
N GLN B 127 9.22 3.74 -18.02
CA GLN B 127 10.45 3.09 -18.45
C GLN B 127 11.67 3.67 -17.78
N ARG B 128 11.71 5.00 -17.66
CA ARG B 128 12.85 5.68 -17.04
C ARG B 128 12.92 5.48 -15.51
N VAL B 129 11.77 5.23 -14.89
CA VAL B 129 11.69 4.97 -13.45
C VAL B 129 12.07 3.51 -13.16
N SER B 130 11.46 2.59 -13.92
CA SER B 130 11.71 1.15 -13.74
C SER B 130 13.13 0.73 -14.11
N ARG B 131 13.72 1.41 -15.09
CA ARG B 131 15.13 1.21 -15.45
C ARG B 131 16.03 1.61 -14.29
N ALA B 132 15.70 2.75 -13.67
CA ALA B 132 16.43 3.24 -12.50
C ALA B 132 16.22 2.34 -11.29
N TRP B 133 14.99 1.83 -11.13
CA TRP B 133 14.62 0.93 -10.05
C TRP B 133 15.40 -0.39 -10.14
N SER B 134 15.47 -0.93 -11.35
CA SER B 134 16.22 -2.16 -11.62
C SER B 134 17.70 -2.00 -11.35
N GLN B 135 18.23 -0.81 -11.65
CA GLN B 135 19.61 -0.48 -11.34
C GLN B 135 19.81 -0.35 -9.84
N ILE B 136 18.79 0.15 -9.14
CA ILE B 136 18.84 0.34 -7.70
C ILE B 136 18.83 -0.99 -6.94
N ILE B 137 17.94 -1.90 -7.36
CA ILE B 137 17.80 -3.21 -6.69
C ILE B 137 18.96 -4.17 -6.93
N ASN B 138 19.77 -3.87 -7.94
CA ASN B 138 20.94 -4.69 -8.25
C ASN B 138 22.20 -4.16 -7.59
N ASP B 139 22.27 -2.85 -7.42
CA ASP B 139 23.40 -2.20 -6.77
C ASP B 139 23.35 -2.36 -5.26
N ILE B 140 22.14 -2.58 -4.73
CA ILE B 140 21.89 -2.44 -3.31
C ILE B 140 22.55 -3.49 -2.40
N ASN B 141 23.27 -2.98 -1.42
CA ASN B 141 23.68 -3.73 -0.26
C ASN B 141 23.38 -2.85 0.94
N ASP B 142 22.81 -3.46 1.99
CA ASP B 142 22.29 -2.74 3.18
C ASP B 142 21.00 -1.94 2.88
N ASN B 143 20.46 -1.24 3.89
CA ASN B 143 19.16 -0.59 3.77
C ASN B 143 19.17 0.74 3.03
N LEU B 144 18.00 1.10 2.47
CA LEU B 144 17.90 2.26 1.59
C LEU B 144 16.66 3.12 1.81
N LEU B 145 16.87 4.43 1.95
CA LEU B 145 15.78 5.39 1.96
C LEU B 145 15.76 6.08 0.61
N ILE B 146 14.62 6.06 -0.04
CA ILE B 146 14.45 6.80 -1.28
C ILE B 146 13.44 7.91 -1.07
N VAL B 147 13.93 9.16 -1.01
CA VAL B 147 13.03 10.31 -0.89
C VAL B 147 12.61 10.78 -2.29
N THR B 148 11.34 10.65 -2.61
CA THR B 148 10.88 10.87 -3.99
C THR B 148 9.42 11.39 -4.07
N HIS B 149 8.76 11.13 -5.22
CA HIS B 149 7.43 11.65 -5.49
C HIS B 149 6.40 10.53 -5.51
N GLY B 150 5.15 10.88 -5.22
CA GLY B 150 4.04 9.93 -5.23
C GLY B 150 3.82 9.25 -6.57
N GLY B 151 3.99 10.02 -7.64
CA GLY B 151 3.91 9.48 -9.00
C GLY B 151 4.92 8.38 -9.23
N VAL B 152 6.15 8.61 -8.79
CA VAL B 152 7.25 7.66 -8.92
C VAL B 152 6.96 6.37 -8.15
N ILE B 153 6.59 6.53 -6.88
CA ILE B 153 6.30 5.41 -5.99
C ILE B 153 5.23 4.49 -6.58
N ARG B 154 4.19 5.08 -7.15
CA ARG B 154 3.11 4.33 -7.83
C ARG B 154 3.57 3.38 -8.94
N ILE B 155 4.55 3.81 -9.73
CA ILE B 155 5.04 2.98 -10.83
C ILE B 155 5.95 1.86 -10.30
N ILE B 156 6.74 2.19 -9.27
CA ILE B 156 7.58 1.22 -8.58
C ILE B 156 6.71 0.07 -8.07
N LEU B 157 5.62 0.41 -7.38
CA LEU B 157 4.65 -0.56 -6.88
C LEU B 157 4.01 -1.34 -8.00
N ALA B 158 3.66 -0.65 -9.10
CA ALA B 158 3.06 -1.29 -10.27
C ALA B 158 3.96 -2.37 -10.88
N HIS B 159 5.26 -2.07 -10.96
CA HIS B 159 6.26 -3.00 -11.46
C HIS B 159 6.46 -4.18 -10.51
N VAL B 160 6.62 -3.89 -9.22
CA VAL B 160 6.89 -4.89 -8.19
C VAL B 160 5.69 -5.82 -7.97
N LEU B 161 4.49 -5.24 -7.85
CA LEU B 161 3.25 -6.02 -7.67
C LEU B 161 2.75 -6.64 -8.98
N GLY B 162 3.45 -6.36 -10.08
CA GLY B 162 3.11 -6.91 -11.38
C GLY B 162 1.77 -6.44 -11.93
N VAL B 163 1.30 -5.30 -11.46
CA VAL B 163 0.03 -4.75 -11.95
C VAL B 163 0.28 -3.84 -13.16
N ASP B 164 -0.76 -3.64 -13.96
CA ASP B 164 -0.65 -2.80 -15.15
C ASP B 164 -0.61 -1.33 -14.76
N TRP B 165 0.43 -0.64 -15.22
CA TRP B 165 0.59 0.79 -14.98
C TRP B 165 -0.26 1.64 -15.94
N ARG B 166 -0.77 1.00 -16.99
CA ARG B 166 -1.67 1.64 -17.94
C ARG B 166 -3.06 1.88 -17.33
N ASN B 167 -3.36 1.16 -16.25
CA ASN B 167 -4.60 1.31 -15.48
C ASN B 167 -4.70 2.70 -14.85
N PRO B 168 -5.72 3.47 -15.26
CA PRO B 168 -5.92 4.85 -14.78
C PRO B 168 -6.38 4.94 -13.33
N GLN B 169 -6.98 3.86 -12.84
CA GLN B 169 -7.52 3.79 -11.48
C GLN B 169 -6.41 3.69 -10.43
N TRP B 170 -5.25 3.18 -10.87
CA TRP B 170 -4.06 3.04 -10.04
C TRP B 170 -3.51 4.38 -9.54
N TYR B 171 -3.84 5.45 -10.26
CA TYR B 171 -3.42 6.79 -9.89
C TYR B 171 -4.60 7.55 -9.31
N SER B 172 -5.78 7.22 -9.83
CA SER B 172 -7.04 7.84 -9.44
C SER B 172 -7.42 7.52 -8.00
N THR B 173 -7.40 6.23 -7.66
CA THR B 173 -7.91 5.75 -6.38
C THR B 173 -6.81 5.43 -5.36
N LEU B 174 -5.63 5.05 -5.83
CA LEU B 174 -4.52 4.79 -4.92
C LEU B 174 -3.88 6.09 -4.48
N ALA B 175 -4.02 6.40 -3.19
CA ALA B 175 -3.40 7.56 -2.59
C ALA B 175 -2.10 7.18 -1.90
N ILE B 176 -1.10 8.04 -2.03
CA ILE B 176 0.09 7.99 -1.18
C ILE B 176 0.42 9.40 -0.72
N GLY B 177 0.20 9.66 0.57
CA GLY B 177 0.24 10.99 1.12
C GLY B 177 1.61 11.57 1.32
N ASN B 178 1.65 12.83 1.74
CA ASN B 178 2.89 13.52 2.03
C ASN B 178 3.47 13.03 3.33
N ALA B 179 4.80 12.89 3.36
CA ALA B 179 5.53 12.25 4.46
C ALA B 179 4.99 10.85 4.75
N SER B 180 4.94 10.02 3.71
CA SER B 180 4.50 8.65 3.87
C SER B 180 5.59 7.68 3.43
N VAL B 181 6.04 6.88 4.38
CA VAL B 181 7.01 5.83 4.13
C VAL B 181 6.27 4.59 3.61
N THR B 182 6.64 4.14 2.41
CA THR B 182 6.13 2.86 1.93
C THR B 182 7.28 1.86 1.92
N HIS B 183 7.06 0.71 2.56
CA HIS B 183 8.09 -0.30 2.76
C HIS B 183 8.07 -1.38 1.68
N ILE B 184 9.19 -1.55 1.00
CA ILE B 184 9.41 -2.68 0.10
C ILE B 184 10.65 -3.40 0.59
N THR B 185 10.51 -4.69 0.89
CA THR B 185 11.67 -5.50 1.20
C THR B 185 12.08 -6.35 -0.01
N ILE B 186 13.34 -6.24 -0.39
CA ILE B 186 13.89 -7.09 -1.42
C ILE B 186 14.78 -8.15 -0.78
N THR B 187 14.79 -9.34 -1.36
CA THR B 187 15.68 -10.38 -0.90
C THR B 187 16.41 -11.06 -2.04
N ILE B 188 17.75 -11.04 -1.96
CA ILE B 188 18.61 -11.48 -3.07
C ILE B 188 19.06 -12.94 -2.93
N ASP B 189 18.90 -13.69 -4.03
CA ASP B 189 19.28 -15.10 -4.08
C ASP B 189 19.85 -15.48 -5.45
N ASP B 190 19.07 -16.23 -6.22
CA ASP B 190 19.40 -16.50 -7.62
C ASP B 190 18.99 -15.27 -8.41
N GLN B 191 17.84 -14.70 -8.01
CA GLN B 191 17.32 -13.47 -8.59
C GLN B 191 16.95 -12.49 -7.47
N ILE B 192 16.32 -11.38 -7.87
CA ILE B 192 15.75 -10.42 -6.94
C ILE B 192 14.30 -10.80 -6.61
N TYR B 193 13.98 -10.80 -5.32
CA TYR B 193 12.66 -11.16 -4.84
C TYR B 193 12.09 -10.07 -3.95
N ALA B 194 11.19 -9.27 -4.51
CA ALA B 194 10.64 -8.12 -3.81
C ALA B 194 9.23 -8.37 -3.32
N SER B 195 8.95 -7.95 -2.08
CA SER B 195 7.60 -7.99 -1.55
C SER B 195 7.24 -6.66 -0.91
N VAL B 196 6.15 -6.05 -1.41
CA VAL B 196 5.63 -4.81 -0.85
C VAL B 196 5.02 -5.10 0.52
N ARG B 197 5.67 -4.58 1.55
CA ARG B 197 5.15 -4.71 2.91
C ARG B 197 4.05 -3.70 3.15
N SER B 198 4.34 -2.62 3.87
CA SER B 198 3.37 -1.56 4.06
C SER B 198 3.48 -0.52 2.94
N ILE B 199 2.40 0.20 2.68
CA ILE B 199 2.41 1.30 1.72
C ILE B 199 1.66 2.55 2.23
N GLY B 200 2.32 3.70 2.17
CA GLY B 200 1.71 4.97 2.53
C GLY B 200 1.59 5.24 4.02
N VAL B 201 2.46 4.63 4.83
CA VAL B 201 2.48 4.85 6.27
C VAL B 201 2.97 6.26 6.62
N PRO B 202 2.08 7.08 7.21
CA PRO B 202 2.45 8.47 7.43
C PRO B 202 3.26 8.70 8.70
N LEU B 203 3.78 9.92 8.84
CA LEU B 203 4.39 10.40 10.07
C LEU B 203 3.87 11.81 10.32
N VAL B 204 3.12 11.98 11.41
CA VAL B 204 2.34 13.21 11.73
C VAL B 204 1.39 13.65 10.57
N GLU B 205 1.14 14.96 10.42
CA GLU B 205 0.13 15.47 9.46
C GLU B 205 0.71 15.86 8.11
#